data_6GTS
#
_entry.id   6GTS
#
_cell.length_a   75.729
_cell.length_b   87.920
_cell.length_c   190.481
_cell.angle_alpha   90.00
_cell.angle_beta   90.00
_cell.angle_gamma   90.00
#
_symmetry.space_group_name_H-M   'C 2 2 21'
#
loop_
_entity.id
_entity.type
_entity.pdbx_description
1 polymer Acetyltransferase
2 polymer 'DUF1778 domain-containing protein'
3 polymer DNA
#
loop_
_entity_poly.entity_id
_entity_poly.type
_entity_poly.pdbx_seq_one_letter_code
_entity_poly.pdbx_strand_id
1 'polypeptide(L)'
;MDDLTIEILTDDADYDLQRFDCGEEALNLFLTTHLVRQHRNKILRAYILCRNTPERQVLGYYTLCGSCFERAALPSKSKQ
KKIPYKNIPSVTLGRLAIDRSLQGQGWGATLVAHAMKVVWSASLAVGIHGLFVEALNEKAHTFYKSLGFIPLVGENENAL
FFPTKSIELLFTQSD
;
A
2 'polypeptide(L)'
;MSAVKKQRIDLRLTDDDKSMIEEAAAISNQSVSQFMLNSASQRAAEVIEQHRRVILNEESWTRVMDALSNPPSPGEKLKR
AAKRLQGM
;
B,C
3 'polydeoxyribonucleotide'
;(DA)(DT)(DG)(DT)(DA)(DC)(DG)(DG)(DT)(DA)(DA)(DT)(DA)(DT)(DC)(DC)(DG)(DT)(DA)(DC)
(DA)(DT)
;
D
#
loop_
_chem_comp.id
_chem_comp.type
_chem_comp.name
_chem_comp.formula
DA DNA linking 2'-DEOXYADENOSINE-5'-MONOPHOSPHATE 'C10 H14 N5 O6 P'
DC DNA linking 2'-DEOXYCYTIDINE-5'-MONOPHOSPHATE 'C9 H14 N3 O7 P'
DG DNA linking 2'-DEOXYGUANOSINE-5'-MONOPHOSPHATE 'C10 H14 N5 O7 P'
DT DNA linking THYMIDINE-5'-MONOPHOSPHATE 'C10 H15 N2 O8 P'
#
# COMPACT_ATOMS: atom_id res chain seq x y z
N LEU A 4 -25.98 2.30 -15.95
CA LEU A 4 -24.71 2.26 -15.24
C LEU A 4 -24.76 3.07 -13.95
N THR A 5 -24.60 2.38 -12.82
CA THR A 5 -24.62 2.98 -11.51
C THR A 5 -23.38 2.55 -10.73
N ILE A 6 -23.01 3.39 -9.76
CA ILE A 6 -21.85 3.16 -8.90
C ILE A 6 -22.35 2.91 -7.48
N GLU A 7 -21.85 1.85 -6.86
CA GLU A 7 -22.30 1.47 -5.53
C GLU A 7 -21.19 0.74 -4.80
N ILE A 8 -21.21 0.84 -3.47
CA ILE A 8 -20.21 0.17 -2.65
C ILE A 8 -20.49 -1.34 -2.65
N LEU A 9 -19.42 -2.12 -2.47
CA LEU A 9 -19.53 -3.57 -2.54
C LEU A 9 -20.46 -4.11 -1.46
N THR A 10 -21.30 -5.06 -1.85
CA THR A 10 -22.29 -5.65 -0.95
C THR A 10 -21.70 -6.91 -0.31
N ASP A 11 -21.77 -6.98 1.02
CA ASP A 11 -21.14 -8.06 1.77
C ASP A 11 -21.81 -9.41 1.56
N ASP A 12 -22.87 -9.49 0.76
CA ASP A 12 -23.54 -10.75 0.52
C ASP A 12 -22.67 -11.66 -0.35
N ALA A 13 -22.90 -12.96 -0.25
CA ALA A 13 -22.04 -13.90 -0.94
C ALA A 13 -22.52 -14.13 -2.37
N ASP A 14 -21.69 -14.71 -3.23
CA ASP A 14 -22.14 -14.97 -4.61
C ASP A 14 -22.33 -13.76 -5.51
N TYR A 15 -21.66 -12.67 -5.20
CA TYR A 15 -21.80 -11.49 -6.02
C TYR A 15 -21.33 -11.67 -7.47
N ASP A 16 -20.24 -12.40 -7.71
CA ASP A 16 -19.69 -12.69 -9.06
C ASP A 16 -19.23 -11.53 -9.96
N LEU A 17 -19.72 -11.47 -11.19
CA LEU A 17 -19.36 -10.37 -12.07
C LEU A 17 -17.95 -10.55 -12.61
N GLN A 18 -17.48 -11.81 -12.66
CA GLN A 18 -16.20 -12.27 -13.21
C GLN A 18 -15.30 -11.25 -13.93
N ARG A 19 -15.24 -11.33 -15.26
CA ARG A 19 -14.21 -10.66 -16.04
C ARG A 19 -14.70 -9.31 -16.57
N PHE A 20 -13.80 -8.32 -16.52
CA PHE A 20 -14.07 -7.01 -17.12
C PHE A 20 -12.70 -6.36 -17.42
N ASP A 21 -12.19 -6.63 -18.62
CA ASP A 21 -10.82 -6.24 -18.95
C ASP A 21 -10.70 -4.72 -19.10
N CYS A 22 -9.75 -4.15 -18.37
CA CYS A 22 -9.49 -2.72 -18.44
C CYS A 22 -8.22 -2.39 -19.22
N GLY A 23 -7.48 -3.41 -19.67
CA GLY A 23 -6.23 -3.17 -20.36
C GLY A 23 -5.02 -3.56 -19.53
N GLU A 24 -5.06 -3.25 -18.23
CA GLU A 24 -3.96 -3.55 -17.33
C GLU A 24 -4.26 -4.86 -16.60
N GLU A 25 -3.35 -5.82 -16.73
CA GLU A 25 -3.56 -7.13 -16.12
C GLU A 25 -3.52 -7.05 -14.60
N ALA A 26 -2.72 -6.13 -14.05
CA ALA A 26 -2.61 -6.03 -12.60
C ALA A 26 -3.93 -5.59 -11.97
N LEU A 27 -4.58 -4.57 -12.54
CA LEU A 27 -5.84 -4.11 -11.98
C LEU A 27 -6.93 -5.18 -12.09
N ASN A 28 -7.02 -5.84 -13.24
CA ASN A 28 -8.00 -6.93 -13.38
C ASN A 28 -7.73 -8.05 -12.38
N LEU A 29 -6.45 -8.39 -12.17
CA LEU A 29 -6.12 -9.42 -11.21
C LEU A 29 -6.52 -9.00 -9.80
N PHE A 30 -6.24 -7.75 -9.43
CA PHE A 30 -6.64 -7.25 -8.11
C PHE A 30 -8.15 -7.32 -7.95
N LEU A 31 -8.89 -6.94 -8.99
CA LEU A 31 -10.34 -7.02 -8.93
C LEU A 31 -10.80 -8.46 -8.74
N THR A 32 -10.17 -9.41 -9.42
CA THR A 32 -10.66 -10.78 -9.43
C THR A 32 -10.09 -11.66 -8.32
N THR A 33 -9.14 -11.18 -7.52
CA THR A 33 -8.57 -12.04 -6.49
C THR A 33 -8.18 -11.33 -5.21
N HIS A 34 -8.40 -10.02 -5.09
CA HIS A 34 -8.02 -9.31 -3.87
C HIS A 34 -9.11 -8.39 -3.36
N LEU A 35 -9.90 -7.81 -4.27
CA LEU A 35 -10.78 -6.71 -3.91
C LEU A 35 -11.85 -7.13 -2.91
N VAL A 36 -12.53 -8.25 -3.18
CA VAL A 36 -13.68 -8.65 -2.36
C VAL A 36 -13.23 -8.96 -0.94
N ARG A 37 -12.16 -9.74 -0.80
CA ARG A 37 -11.69 -10.12 0.54
C ARG A 37 -11.18 -8.91 1.31
N GLN A 38 -10.46 -8.00 0.64
CA GLN A 38 -9.92 -6.84 1.34
C GLN A 38 -11.04 -5.88 1.76
N HIS A 39 -12.11 -5.80 0.97
CA HIS A 39 -13.28 -5.04 1.41
C HIS A 39 -13.96 -5.72 2.59
N ARG A 40 -14.14 -7.04 2.51
CA ARG A 40 -14.78 -7.78 3.60
C ARG A 40 -13.97 -7.67 4.89
N ASN A 41 -12.65 -7.72 4.77
CA ASN A 41 -11.76 -7.61 5.92
C ASN A 41 -11.46 -6.18 6.32
N LYS A 42 -12.16 -5.21 5.73
CA LYS A 42 -12.07 -3.80 6.11
C LYS A 42 -10.68 -3.21 5.85
N ILE A 43 -9.93 -3.80 4.92
CA ILE A 43 -8.65 -3.21 4.52
C ILE A 43 -8.89 -2.00 3.63
N LEU A 44 -9.90 -2.07 2.77
CA LEU A 44 -10.25 -0.96 1.90
C LEU A 44 -11.77 -0.92 1.74
N ARG A 45 -12.25 0.14 1.10
CA ARG A 45 -13.64 0.29 0.72
C ARG A 45 -13.71 0.26 -0.80
N ALA A 46 -14.39 -0.74 -1.34
CA ALA A 46 -14.43 -0.99 -2.78
C ALA A 46 -15.75 -0.52 -3.35
N TYR A 47 -15.70 0.26 -4.43
CA TYR A 47 -16.89 0.72 -5.12
C TYR A 47 -16.84 0.23 -6.56
N ILE A 48 -17.98 -0.23 -7.06
CA ILE A 48 -18.08 -0.87 -8.37
C ILE A 48 -19.10 -0.11 -9.21
N LEU A 49 -18.82 -0.01 -10.50
CA LEU A 49 -19.69 0.62 -11.48
C LEU A 49 -20.19 -0.48 -12.41
N CYS A 50 -21.49 -0.77 -12.32
CA CYS A 50 -22.11 -1.87 -13.06
C CYS A 50 -23.55 -1.51 -13.38
N ARG A 51 -24.24 -2.42 -14.05
CA ARG A 51 -25.60 -2.17 -14.50
C ARG A 51 -26.60 -2.54 -13.42
N ASN A 52 -27.89 -2.35 -13.73
CA ASN A 52 -28.96 -2.65 -12.79
C ASN A 52 -29.34 -4.12 -12.77
N THR A 53 -28.79 -4.95 -13.67
CA THR A 53 -29.12 -6.37 -13.65
C THR A 53 -28.58 -7.07 -12.40
N PRO A 54 -27.31 -6.89 -12.01
CA PRO A 54 -26.91 -7.54 -10.76
C PRO A 54 -27.01 -6.60 -9.56
N VAL A 58 -19.98 -5.79 -14.29
CA VAL A 58 -19.15 -4.67 -13.84
C VAL A 58 -18.40 -4.04 -15.00
N LEU A 59 -18.43 -2.71 -15.05
CA LEU A 59 -17.69 -1.95 -16.06
C LEU A 59 -16.69 -0.98 -15.43
N GLY A 60 -16.57 -0.96 -14.11
CA GLY A 60 -15.50 -0.19 -13.49
C GLY A 60 -15.43 -0.46 -12.00
N TYR A 61 -14.34 0.02 -11.41
CA TYR A 61 -14.22 -0.03 -9.95
C TYR A 61 -13.17 0.96 -9.48
N TYR A 62 -13.26 1.31 -8.20
CA TYR A 62 -12.20 2.04 -7.51
C TYR A 62 -12.15 1.61 -6.05
N THR A 63 -11.03 1.91 -5.41
CA THR A 63 -10.81 1.55 -4.01
C THR A 63 -10.38 2.77 -3.22
N LEU A 64 -10.95 2.93 -2.04
CA LEU A 64 -10.60 4.01 -1.12
C LEU A 64 -10.04 3.41 0.16
N CYS A 65 -9.15 4.17 0.80
CA CYS A 65 -8.47 3.68 2.00
C CYS A 65 -8.04 4.89 2.83
N GLY A 66 -8.42 4.89 4.10
CA GLY A 66 -7.99 5.97 4.98
C GLY A 66 -6.48 5.97 5.16
N SER A 67 -5.92 7.16 5.29
CA SER A 67 -4.47 7.31 5.32
C SER A 67 -4.10 8.55 6.12
N CYS A 68 -2.79 8.76 6.28
CA CYS A 68 -2.24 9.91 6.97
C CYS A 68 -1.02 10.40 6.20
N PHE A 69 -0.88 11.72 6.08
CA PHE A 69 0.24 12.30 5.35
C PHE A 69 1.23 12.98 6.28
N ASN A 87 -0.16 12.97 12.64
CA ASN A 87 -0.09 13.21 11.20
C ASN A 87 -1.44 13.65 10.67
N ILE A 88 -1.41 14.35 9.55
CA ILE A 88 -2.64 14.89 8.97
C ILE A 88 -3.45 13.77 8.33
N PRO A 89 -4.73 13.62 8.67
CA PRO A 89 -5.51 12.51 8.12
C PRO A 89 -6.05 12.84 6.73
N SER A 90 -6.13 11.81 5.88
CA SER A 90 -6.54 11.98 4.50
C SER A 90 -7.17 10.67 4.03
N VAL A 91 -7.50 10.60 2.74
CA VAL A 91 -8.00 9.39 2.13
C VAL A 91 -7.24 9.16 0.83
N THR A 92 -7.03 7.89 0.48
CA THR A 92 -6.18 7.51 -0.64
C THR A 92 -6.97 6.67 -1.65
N LEU A 93 -6.89 7.07 -2.91
CA LEU A 93 -7.41 6.29 -4.03
C LEU A 93 -6.25 5.51 -4.63
N GLY A 94 -6.21 4.22 -4.34
CA GLY A 94 -5.11 3.38 -4.76
C GLY A 94 -5.29 2.79 -6.13
N ARG A 95 -6.51 2.34 -6.44
CA ARG A 95 -6.79 1.67 -7.71
C ARG A 95 -8.09 2.17 -8.30
N LEU A 96 -8.09 2.40 -9.61
CA LEU A 96 -9.27 2.78 -10.38
C LEU A 96 -9.15 2.18 -11.77
N ALA A 97 -10.16 1.43 -12.19
CA ALA A 97 -10.11 0.74 -13.47
C ALA A 97 -11.46 0.87 -14.19
N ILE A 98 -11.40 0.99 -15.51
CA ILE A 98 -12.58 1.12 -16.36
C ILE A 98 -12.47 0.12 -17.50
N ASP A 99 -13.56 -0.58 -17.78
CA ASP A 99 -13.55 -1.63 -18.79
C ASP A 99 -13.16 -1.06 -20.17
N ARG A 100 -12.63 -1.94 -21.02
CA ARG A 100 -12.20 -1.51 -22.34
C ARG A 100 -13.38 -1.11 -23.22
N SER A 101 -14.56 -1.68 -22.96
CA SER A 101 -15.76 -1.25 -23.68
C SER A 101 -16.15 0.19 -23.36
N LEU A 102 -15.69 0.73 -22.23
CA LEU A 102 -15.87 2.14 -21.88
C LEU A 102 -14.50 2.81 -22.04
N GLN A 103 -14.15 3.13 -23.29
CA GLN A 103 -12.83 3.64 -23.59
C GLN A 103 -12.68 5.07 -23.11
N GLY A 104 -11.57 5.36 -22.44
CA GLY A 104 -11.18 6.71 -22.14
C GLY A 104 -11.30 7.09 -20.68
N GLN A 105 -11.41 8.39 -20.47
CA GLN A 105 -11.38 8.97 -19.14
C GLN A 105 -12.75 9.27 -18.57
N GLY A 106 -13.79 9.30 -19.41
CA GLY A 106 -15.09 9.81 -19.02
C GLY A 106 -15.64 9.21 -17.74
N TRP A 107 -16.00 7.93 -17.77
CA TRP A 107 -16.51 7.28 -16.58
C TRP A 107 -15.44 7.12 -15.51
N GLY A 108 -14.16 7.11 -15.89
CA GLY A 108 -13.11 7.21 -14.88
C GLY A 108 -13.18 8.51 -14.10
N ALA A 109 -13.34 9.63 -14.81
CA ALA A 109 -13.50 10.91 -14.14
C ALA A 109 -14.78 10.95 -13.33
N THR A 110 -15.86 10.33 -13.83
CA THR A 110 -17.09 10.28 -13.05
C THR A 110 -16.89 9.47 -11.76
N LEU A 111 -16.14 8.38 -11.83
CA LEU A 111 -15.83 7.61 -10.63
C LEU A 111 -14.95 8.40 -9.67
N VAL A 112 -14.03 9.20 -10.22
CA VAL A 112 -13.21 10.07 -9.36
C VAL A 112 -14.10 11.08 -8.64
N ALA A 113 -15.10 11.61 -9.34
CA ALA A 113 -16.03 12.54 -8.71
C ALA A 113 -16.84 11.85 -7.62
N HIS A 114 -17.29 10.62 -7.87
CA HIS A 114 -18.02 9.85 -6.87
C HIS A 114 -17.15 9.62 -5.62
N ALA A 115 -15.90 9.24 -5.83
CA ALA A 115 -14.97 9.05 -4.71
C ALA A 115 -14.74 10.35 -3.96
N MET A 116 -14.65 11.47 -4.69
CA MET A 116 -14.47 12.76 -4.03
C MET A 116 -15.69 13.10 -3.17
N LYS A 117 -16.89 12.82 -3.67
CA LYS A 117 -18.09 13.05 -2.88
C LYS A 117 -18.11 12.20 -1.62
N VAL A 118 -17.68 10.94 -1.75
CA VAL A 118 -17.62 10.06 -0.57
C VAL A 118 -16.63 10.60 0.45
N VAL A 119 -15.42 10.95 0.00
CA VAL A 119 -14.40 11.50 0.88
C VAL A 119 -14.87 12.80 1.50
N TRP A 120 -15.69 13.57 0.78
CA TRP A 120 -16.11 14.86 1.26
C TRP A 120 -17.19 14.75 2.32
N SER A 121 -18.13 13.81 2.14
CA SER A 121 -19.06 13.50 3.22
C SER A 121 -18.31 12.94 4.43
N ALA A 122 -17.29 12.11 4.19
CA ALA A 122 -16.50 11.58 5.30
C ALA A 122 -15.76 12.69 6.03
N SER A 123 -15.31 13.73 5.32
CA SER A 123 -14.67 14.85 5.99
C SER A 123 -15.68 15.65 6.81
N LEU A 124 -16.88 15.83 6.27
CA LEU A 124 -17.95 16.44 7.06
C LEU A 124 -18.23 15.64 8.33
N ALA A 125 -18.05 14.32 8.28
CA ALA A 125 -18.33 13.48 9.44
C ALA A 125 -17.19 13.46 10.45
N VAL A 126 -15.98 13.05 10.04
CA VAL A 126 -14.89 12.82 10.98
C VAL A 126 -13.68 13.71 10.75
N GLY A 127 -13.58 14.38 9.61
CA GLY A 127 -12.46 15.27 9.37
C GLY A 127 -11.33 14.66 8.55
N ILE A 128 -11.28 15.03 7.28
CA ILE A 128 -10.21 14.62 6.37
C ILE A 128 -9.79 15.83 5.56
N HIS A 129 -8.48 16.05 5.43
CA HIS A 129 -7.97 17.26 4.82
C HIS A 129 -7.60 17.10 3.35
N GLY A 130 -7.61 15.89 2.80
CA GLY A 130 -7.23 15.73 1.41
C GLY A 130 -7.37 14.30 0.93
N LEU A 131 -7.16 14.14 -0.37
CA LEU A 131 -7.23 12.85 -1.03
C LEU A 131 -6.00 12.68 -1.92
N PHE A 132 -5.24 11.62 -1.66
CA PHE A 132 -4.13 11.20 -2.50
C PHE A 132 -4.60 10.19 -3.52
N VAL A 133 -3.80 10.00 -4.55
CA VAL A 133 -4.12 9.07 -5.63
C VAL A 133 -2.83 8.48 -6.17
N GLU A 134 -2.84 7.18 -6.42
CA GLU A 134 -1.67 6.44 -6.87
C GLU A 134 -1.67 6.38 -8.40
N ALA A 135 -0.56 6.80 -9.02
CA ALA A 135 -0.41 6.79 -10.47
C ALA A 135 0.90 6.07 -10.80
N LEU A 136 0.82 4.89 -11.39
CA LEU A 136 2.01 4.08 -11.61
C LEU A 136 2.61 4.24 -13.01
N ASN A 137 1.87 4.82 -13.96
CA ASN A 137 2.38 5.02 -15.30
C ASN A 137 2.06 6.44 -15.75
N GLU A 138 2.69 6.83 -16.86
CA GLU A 138 2.56 8.22 -17.33
C GLU A 138 1.16 8.52 -17.84
N LYS A 139 0.48 7.53 -18.44
CA LYS A 139 -0.90 7.74 -18.87
C LYS A 139 -1.79 8.09 -17.70
N ALA A 140 -1.70 7.32 -16.60
CA ALA A 140 -2.46 7.63 -15.41
C ALA A 140 -2.02 8.96 -14.80
N HIS A 141 -0.72 9.24 -14.80
CA HIS A 141 -0.24 10.53 -14.28
C HIS A 141 -0.92 11.68 -15.01
N THR A 142 -0.93 11.64 -16.34
CA THR A 142 -1.58 12.69 -17.12
C THR A 142 -3.09 12.71 -16.89
N PHE A 143 -3.69 11.53 -16.71
CA PHE A 143 -5.14 11.46 -16.45
C PHE A 143 -5.49 12.20 -15.15
N TYR A 144 -4.81 11.86 -14.06
CA TYR A 144 -5.09 12.53 -12.80
C TYR A 144 -4.69 14.01 -12.84
N LYS A 145 -3.67 14.35 -13.63
CA LYS A 145 -3.30 15.76 -13.76
C LYS A 145 -4.36 16.55 -14.51
N SER A 146 -5.06 15.92 -15.46
CA SER A 146 -6.15 16.60 -16.15
C SER A 146 -7.35 16.82 -15.23
N LEU A 147 -7.42 16.13 -14.10
CA LEU A 147 -8.53 16.28 -13.17
C LEU A 147 -8.26 17.31 -12.08
N GLY A 148 -7.04 17.85 -12.01
CA GLY A 148 -6.69 18.86 -11.03
C GLY A 148 -5.78 18.40 -9.91
N PHE A 149 -5.36 17.14 -9.91
CA PHE A 149 -4.46 16.65 -8.87
C PHE A 149 -3.08 17.27 -9.02
N ILE A 150 -2.48 17.64 -7.90
CA ILE A 150 -1.18 18.29 -7.89
C ILE A 150 -0.07 17.25 -7.88
N PRO A 151 0.92 17.35 -8.78
CA PRO A 151 1.97 16.32 -8.83
C PRO A 151 3.00 16.50 -7.73
N LEU A 152 3.25 15.42 -6.98
CA LEU A 152 4.32 15.37 -6.00
C LEU A 152 5.59 14.84 -6.64
N VAL A 153 6.72 15.11 -5.98
CA VAL A 153 8.05 14.87 -6.54
C VAL A 153 8.88 14.10 -5.53
N GLY A 154 9.99 13.53 -6.02
CA GLY A 154 10.92 12.83 -5.14
C GLY A 154 10.48 11.41 -4.92
N GLU A 155 10.52 10.98 -3.65
CA GLU A 155 10.01 9.66 -3.31
C GLU A 155 8.49 9.58 -3.43
N ASN A 156 7.82 10.71 -3.59
CA ASN A 156 6.36 10.74 -3.75
C ASN A 156 5.96 10.99 -5.20
N GLU A 157 6.80 10.62 -6.16
CA GLU A 157 6.56 10.96 -7.56
C GLU A 157 5.29 10.32 -8.10
N ASN A 158 4.91 9.16 -7.57
CA ASN A 158 3.75 8.42 -8.05
C ASN A 158 2.47 8.81 -7.34
N ALA A 159 2.50 9.82 -6.48
CA ALA A 159 1.34 10.21 -5.68
C ALA A 159 0.90 11.62 -6.06
N LEU A 160 -0.40 11.79 -6.29
CA LEU A 160 -0.98 13.09 -6.64
C LEU A 160 -2.02 13.46 -5.58
N PHE A 161 -2.14 14.75 -5.27
CA PHE A 161 -2.94 15.20 -4.14
C PHE A 161 -4.02 16.19 -4.57
N PHE A 162 -5.16 16.14 -3.88
CA PHE A 162 -6.24 17.10 -4.07
C PHE A 162 -6.87 17.44 -2.73
N PRO A 163 -6.97 18.72 -2.37
CA PRO A 163 -7.45 19.09 -1.04
C PRO A 163 -8.96 18.93 -0.92
N THR A 164 -9.40 18.81 0.34
CA THR A 164 -10.83 18.74 0.62
C THR A 164 -11.52 20.07 0.32
N LYS A 165 -10.80 21.18 0.41
CA LYS A 165 -11.40 22.47 0.06
C LYS A 165 -11.78 22.52 -1.41
N SER A 166 -10.94 21.96 -2.28
CA SER A 166 -11.28 21.91 -3.70
C SER A 166 -12.48 21.01 -3.96
N ILE A 167 -12.62 19.93 -3.18
CA ILE A 167 -13.78 19.06 -3.32
C ILE A 167 -15.04 19.77 -2.85
N GLU A 168 -14.94 20.57 -1.79
CA GLU A 168 -16.07 21.40 -1.37
C GLU A 168 -16.41 22.42 -2.45
N LEU A 169 -15.40 22.97 -3.11
CA LEU A 169 -15.65 23.88 -4.23
C LEU A 169 -16.36 23.16 -5.38
N LEU A 170 -16.04 21.89 -5.59
CA LEU A 170 -16.64 21.15 -6.70
C LEU A 170 -18.15 21.01 -6.52
N PHE A 171 -18.61 20.82 -5.28
CA PHE A 171 -20.02 20.65 -4.98
C PHE A 171 -20.63 21.90 -4.34
N THR A 172 -20.02 23.06 -4.58
CA THR A 172 -20.54 24.37 -4.15
C THR A 172 -20.94 24.38 -2.68
N SER B 2 16.36 -25.47 -7.37
CA SER B 2 16.13 -26.20 -6.12
C SER B 2 17.48 -26.44 -5.42
N ALA B 3 18.00 -27.67 -5.54
CA ALA B 3 19.33 -28.07 -5.10
C ALA B 3 19.47 -28.15 -3.58
N VAL B 4 18.41 -27.88 -2.83
CA VAL B 4 18.50 -27.85 -1.37
C VAL B 4 17.41 -28.73 -0.76
N LYS B 5 17.58 -29.03 0.53
CA LYS B 5 16.70 -29.91 1.27
C LYS B 5 15.89 -29.11 2.30
N LYS B 6 15.41 -29.80 3.33
CA LYS B 6 14.47 -29.20 4.29
C LYS B 6 14.92 -29.45 5.73
N GLN B 7 14.47 -28.54 6.60
CA GLN B 7 14.70 -28.59 8.04
C GLN B 7 13.79 -27.57 8.72
N ARG B 8 12.95 -27.99 9.65
CA ARG B 8 11.78 -27.23 10.00
C ARG B 8 12.07 -26.18 11.08
N ILE B 9 11.10 -25.28 11.24
CA ILE B 9 11.03 -24.31 12.34
C ILE B 9 9.58 -24.24 12.79
N ASP B 10 9.35 -24.27 14.10
CA ASP B 10 8.00 -24.30 14.65
C ASP B 10 7.86 -23.20 15.71
N LEU B 11 7.07 -22.18 15.40
CA LEU B 11 6.83 -21.05 16.29
C LEU B 11 5.33 -20.87 16.53
N ARG B 12 5.00 -20.20 17.62
CA ARG B 12 3.62 -20.01 18.08
C ARG B 12 3.25 -18.55 18.25
N LEU B 13 2.10 -18.12 17.74
CA LEU B 13 1.66 -16.74 17.72
C LEU B 13 0.23 -16.61 18.21
N THR B 14 -0.28 -15.39 18.16
CA THR B 14 -1.69 -15.14 18.36
C THR B 14 -2.39 -15.16 17.01
N ASP B 15 -3.61 -15.68 16.98
CA ASP B 15 -4.35 -15.79 15.73
C ASP B 15 -4.55 -14.42 15.07
N ASP B 16 -4.63 -13.36 15.88
CA ASP B 16 -4.72 -12.02 15.32
C ASP B 16 -3.43 -11.61 14.63
N ASP B 17 -2.29 -12.17 15.07
CA ASP B 17 -1.03 -11.94 14.35
C ASP B 17 -0.92 -12.83 13.13
N LYS B 18 -1.38 -14.08 13.24
CA LYS B 18 -1.48 -14.94 12.07
C LYS B 18 -2.22 -14.24 10.96
N SER B 19 -3.45 -13.77 11.22
CA SER B 19 -4.23 -13.05 10.24
C SER B 19 -3.40 -12.03 9.45
N MET B 20 -2.72 -11.14 10.17
CA MET B 20 -1.92 -10.12 9.51
C MET B 20 -0.75 -10.72 8.74
N ILE B 21 -0.24 -11.88 9.16
CA ILE B 21 0.85 -12.49 8.42
C ILE B 21 0.34 -13.16 7.15
N GLU B 22 -0.67 -14.03 7.27
CA GLU B 22 -1.20 -14.78 6.14
C GLU B 22 -1.83 -13.86 5.11
N GLU B 23 -2.44 -12.75 5.52
CA GLU B 23 -2.99 -11.81 4.56
C GLU B 23 -1.90 -11.22 3.69
N ALA B 24 -0.82 -10.71 4.30
CA ALA B 24 0.28 -10.18 3.52
C ALA B 24 0.96 -11.26 2.69
N ALA B 25 0.96 -12.50 3.19
CA ALA B 25 1.51 -13.61 2.41
C ALA B 25 0.71 -13.84 1.14
N ALA B 26 -0.62 -13.91 1.25
CA ALA B 26 -1.45 -14.12 0.08
C ALA B 26 -1.42 -12.91 -0.85
N ILE B 27 -1.27 -11.71 -0.30
CA ILE B 27 -1.21 -10.50 -1.13
C ILE B 27 0.09 -10.47 -1.93
N SER B 28 1.16 -11.03 -1.40
CA SER B 28 2.42 -11.17 -2.13
C SER B 28 2.44 -12.42 -3.01
N ASN B 29 1.32 -13.12 -3.13
CA ASN B 29 1.20 -14.32 -3.94
C ASN B 29 2.29 -15.33 -3.58
N GLN B 30 2.21 -15.81 -2.34
CA GLN B 30 3.12 -16.84 -1.85
C GLN B 30 2.53 -17.45 -0.60
N SER B 31 2.92 -18.69 -0.35
CA SER B 31 2.42 -19.40 0.83
C SER B 31 2.94 -18.73 2.09
N VAL B 32 2.33 -19.10 3.22
CA VAL B 32 2.80 -18.60 4.51
C VAL B 32 4.26 -18.94 4.71
N SER B 33 4.68 -20.14 4.30
CA SER B 33 6.09 -20.52 4.41
C SER B 33 6.96 -19.64 3.52
N GLN B 34 6.59 -19.54 2.23
CA GLN B 34 7.37 -18.73 1.30
C GLN B 34 7.38 -17.26 1.66
N PHE B 35 6.41 -16.81 2.46
CA PHE B 35 6.46 -15.44 2.99
C PHE B 35 7.40 -15.39 4.19
N MET B 36 6.98 -15.96 5.32
CA MET B 36 7.76 -15.98 6.55
C MET B 36 9.25 -16.19 6.28
N LEU B 37 9.59 -17.22 5.50
CA LEU B 37 10.98 -17.56 5.27
C LEU B 37 11.71 -16.49 4.46
N ASN B 38 11.09 -16.02 3.38
CA ASN B 38 11.74 -14.98 2.56
C ASN B 38 11.96 -13.72 3.36
N SER B 39 10.95 -13.27 4.10
CA SER B 39 11.10 -12.07 4.94
C SER B 39 12.18 -12.27 6.00
N ALA B 40 12.16 -13.40 6.70
CA ALA B 40 13.18 -13.69 7.70
C ALA B 40 14.57 -13.72 7.08
N SER B 41 14.69 -14.28 5.87
CA SER B 41 16.01 -14.39 5.26
C SER B 41 16.55 -13.04 4.82
N GLN B 42 15.69 -12.18 4.25
CA GLN B 42 16.18 -10.86 3.87
C GLN B 42 16.52 -10.03 5.09
N ARG B 43 15.68 -10.07 6.14
CA ARG B 43 16.05 -9.44 7.40
C ARG B 43 17.37 -9.99 7.94
N ALA B 44 17.58 -11.29 7.78
CA ALA B 44 18.77 -11.93 8.35
C ALA B 44 20.03 -11.51 7.61
N ALA B 45 19.94 -11.39 6.28
CA ALA B 45 21.07 -10.87 5.51
C ALA B 45 21.33 -9.40 5.83
N GLU B 46 20.26 -8.62 6.03
CA GLU B 46 20.45 -7.21 6.38
C GLU B 46 21.21 -7.08 7.70
N VAL B 47 20.77 -7.78 8.74
CA VAL B 47 21.45 -7.62 10.02
C VAL B 47 22.65 -8.55 10.13
N ILE B 48 23.03 -9.21 9.02
CA ILE B 48 24.32 -9.88 8.95
C ILE B 48 25.38 -9.05 8.21
N GLU B 49 24.98 -8.15 7.31
CA GLU B 49 25.95 -7.22 6.75
C GLU B 49 26.05 -5.94 7.56
N GLN B 50 24.94 -5.51 8.15
CA GLN B 50 24.90 -4.35 9.02
C GLN B 50 25.73 -4.56 10.29
N HIS B 51 25.98 -5.81 10.68
CA HIS B 51 26.90 -6.06 11.79
C HIS B 51 28.34 -6.10 11.30
N ARG B 52 28.55 -6.57 10.06
CA ARG B 52 29.90 -6.56 9.50
C ARG B 52 30.42 -5.13 9.39
N ARG B 53 29.56 -4.19 9.01
CA ARG B 53 30.01 -2.80 8.95
C ARG B 53 30.34 -2.27 10.34
N VAL B 54 29.62 -2.71 11.37
CA VAL B 54 29.93 -2.30 12.74
C VAL B 54 31.30 -2.83 13.15
N ILE B 55 31.59 -4.08 12.79
CA ILE B 55 32.89 -4.66 13.14
C ILE B 55 34.01 -3.93 12.39
N LEU B 56 33.77 -3.58 11.12
CA LEU B 56 34.74 -2.77 10.39
C LEU B 56 34.99 -1.43 11.08
N ASN B 57 33.92 -0.78 11.53
CA ASN B 57 34.08 0.50 12.23
C ASN B 57 34.90 0.33 13.50
N GLU B 58 34.61 -0.71 14.29
CA GLU B 58 35.40 -0.95 15.50
C GLU B 58 36.86 -1.20 15.16
N GLU B 59 37.13 -1.95 14.10
CA GLU B 59 38.52 -2.22 13.72
C GLU B 59 39.25 -0.94 13.35
N SER B 60 38.65 -0.11 12.49
CA SER B 60 39.33 1.11 12.08
C SER B 60 39.45 2.11 13.23
N TRP B 61 38.46 2.11 14.14
CA TRP B 61 38.56 2.96 15.32
C TRP B 61 39.72 2.53 16.20
N THR B 62 39.87 1.23 16.43
CA THR B 62 41.00 0.79 17.24
C THR B 62 42.32 1.00 16.52
N ARG B 63 42.32 1.04 15.19
CA ARG B 63 43.53 1.39 14.47
C ARG B 63 43.90 2.86 14.71
N VAL B 64 42.94 3.77 14.55
CA VAL B 64 43.21 5.18 14.83
C VAL B 64 43.60 5.36 16.30
N MET B 65 43.03 4.54 17.18
CA MET B 65 43.33 4.65 18.60
C MET B 65 44.75 4.19 18.92
N ASP B 66 45.17 3.08 18.32
CA ASP B 66 46.55 2.61 18.50
C ASP B 66 47.53 3.59 17.88
N ALA B 67 47.17 4.25 16.79
CA ALA B 67 48.04 5.27 16.23
C ALA B 67 47.97 6.59 17.00
N LEU B 68 46.98 6.79 17.86
CA LEU B 68 46.98 7.99 18.67
C LEU B 68 47.85 7.87 19.92
N SER B 69 48.67 6.83 20.02
CA SER B 69 49.49 6.59 21.19
C SER B 69 50.95 7.02 21.13
N ASN B 70 51.76 6.20 20.46
CA ASN B 70 53.18 6.45 20.27
C ASN B 70 53.50 6.70 18.80
N PRO B 71 54.72 7.19 18.51
CA PRO B 71 55.19 7.50 17.16
C PRO B 71 55.29 6.29 16.22
N PRO B 72 55.79 5.15 16.72
CA PRO B 72 55.93 3.94 15.89
C PRO B 72 54.64 3.60 15.14
N LYS C 5 0.28 -16.47 21.18
CA LYS C 5 -0.14 -17.19 22.37
C LYS C 5 -0.92 -18.46 22.05
N LYS C 6 -1.88 -18.34 21.12
CA LYS C 6 -2.85 -19.42 20.90
C LYS C 6 -2.73 -20.09 19.53
N GLN C 7 -2.11 -19.44 18.55
CA GLN C 7 -1.93 -20.02 17.22
C GLN C 7 -0.46 -20.34 16.97
N ARG C 8 -0.20 -20.98 15.85
CA ARG C 8 1.16 -21.35 15.48
C ARG C 8 1.39 -21.36 13.98
N ILE C 9 2.64 -21.19 13.61
CA ILE C 9 3.07 -21.20 12.21
C ILE C 9 4.16 -22.26 12.07
N ASP C 10 3.96 -23.18 11.12
CA ASP C 10 4.92 -24.26 10.88
C ASP C 10 5.40 -24.17 9.43
N LEU C 11 6.71 -24.13 9.24
CA LEU C 11 7.32 -24.08 7.92
C LEU C 11 8.61 -24.90 7.93
N ARG C 12 9.11 -25.20 6.73
CA ARG C 12 10.35 -25.94 6.56
C ARG C 12 11.26 -25.18 5.61
N LEU C 13 12.57 -25.36 5.79
CA LEU C 13 13.55 -24.53 5.11
C LEU C 13 14.87 -25.26 5.03
N THR C 14 15.81 -24.64 4.31
CA THR C 14 17.14 -25.20 4.11
C THR C 14 17.99 -25.03 5.36
N ASP C 15 18.92 -25.96 5.56
CA ASP C 15 19.91 -25.79 6.63
C ASP C 15 20.77 -24.56 6.39
N ASP C 16 20.98 -24.18 5.12
CA ASP C 16 21.64 -22.91 4.85
C ASP C 16 20.77 -21.75 5.29
N ASP C 17 19.48 -21.78 4.89
CA ASP C 17 18.54 -20.76 5.36
C ASP C 17 18.48 -20.72 6.87
N LYS C 18 18.45 -21.88 7.52
CA LYS C 18 18.37 -21.90 8.98
C LYS C 18 19.64 -21.35 9.60
N SER C 19 20.80 -21.68 9.04
CA SER C 19 22.05 -21.12 9.55
C SER C 19 22.04 -19.61 9.47
N MET C 20 21.63 -19.05 8.33
CA MET C 20 21.58 -17.60 8.19
C MET C 20 20.61 -16.98 9.20
N ILE C 21 19.39 -17.54 9.28
CA ILE C 21 18.39 -16.99 10.19
C ILE C 21 18.87 -17.06 11.63
N GLU C 22 19.48 -18.17 12.02
CA GLU C 22 19.94 -18.33 13.39
C GLU C 22 21.11 -17.39 13.69
N GLU C 23 22.02 -17.22 12.74
CA GLU C 23 23.14 -16.30 12.96
C GLU C 23 22.62 -14.88 13.19
N ALA C 24 21.71 -14.43 12.32
CA ALA C 24 21.20 -13.07 12.49
C ALA C 24 20.37 -12.93 13.76
N ALA C 25 19.62 -13.97 14.13
CA ALA C 25 18.87 -13.93 15.38
C ALA C 25 19.81 -13.81 16.58
N ALA C 26 20.91 -14.55 16.56
CA ALA C 26 21.89 -14.45 17.64
C ALA C 26 22.51 -13.05 17.67
N ILE C 27 22.79 -12.48 16.50
CA ILE C 27 23.29 -11.11 16.45
C ILE C 27 22.27 -10.14 17.04
N SER C 28 20.98 -10.43 16.87
CA SER C 28 19.93 -9.57 17.39
C SER C 28 19.58 -9.89 18.84
N ASN C 29 20.28 -10.82 19.48
CA ASN C 29 19.94 -11.30 20.82
C ASN C 29 18.48 -11.76 20.86
N GLN C 30 18.17 -12.71 19.98
CA GLN C 30 16.81 -13.18 19.82
C GLN C 30 16.83 -14.66 19.49
N SER C 31 15.77 -15.35 19.89
CA SER C 31 15.53 -16.70 19.39
C SER C 31 15.01 -16.64 17.97
N VAL C 32 15.14 -17.76 17.26
CA VAL C 32 14.60 -17.84 15.91
C VAL C 32 13.09 -17.70 15.92
N SER C 33 12.44 -18.08 17.03
CA SER C 33 11.03 -17.80 17.19
C SER C 33 10.76 -16.31 17.04
N GLN C 34 11.31 -15.50 17.94
CA GLN C 34 11.01 -14.07 17.91
C GLN C 34 11.60 -13.40 16.67
N PHE C 35 12.78 -13.84 16.23
CA PHE C 35 13.35 -13.25 15.00
C PHE C 35 12.44 -13.50 13.80
N MET C 36 12.06 -14.76 13.57
CA MET C 36 11.18 -15.08 12.46
C MET C 36 9.86 -14.32 12.57
N LEU C 37 9.18 -14.42 13.72
CA LEU C 37 7.85 -13.85 13.81
C LEU C 37 7.88 -12.32 13.78
N ASN C 38 8.89 -11.69 14.38
CA ASN C 38 9.09 -10.26 14.24
C ASN C 38 9.33 -9.91 12.78
N SER C 39 10.49 -10.31 12.23
CA SER C 39 10.83 -10.01 10.85
C SER C 39 9.71 -10.34 9.87
N ALA C 40 8.76 -11.18 10.31
CA ALA C 40 7.56 -11.47 9.54
C ALA C 40 6.47 -10.41 9.71
N SER C 41 5.98 -10.23 10.94
CA SER C 41 4.86 -9.32 11.18
C SER C 41 5.25 -7.85 11.14
N GLN C 42 6.56 -7.55 11.15
CA GLN C 42 7.13 -6.23 11.02
C GLN C 42 7.27 -5.78 9.57
N ARG C 43 7.52 -6.77 8.70
CA ARG C 43 7.61 -6.58 7.26
C ARG C 43 6.23 -6.76 6.61
N ALA C 44 5.33 -7.47 7.30
CA ALA C 44 3.99 -7.72 6.79
C ALA C 44 3.12 -6.47 6.92
N ALA C 45 3.37 -5.66 7.95
CA ALA C 45 2.70 -4.36 8.04
C ALA C 45 3.05 -3.51 6.83
N GLU C 46 4.31 -3.55 6.39
CA GLU C 46 4.70 -2.80 5.20
C GLU C 46 3.85 -3.18 3.99
N VAL C 47 3.25 -4.36 4.00
CA VAL C 47 2.42 -4.81 2.88
C VAL C 47 0.94 -4.51 3.13
N ILE C 48 0.42 -4.89 4.30
CA ILE C 48 -1.02 -4.80 4.55
C ILE C 48 -1.49 -3.40 4.87
N GLU C 49 -0.57 -2.43 4.98
CA GLU C 49 -0.98 -1.04 5.19
C GLU C 49 -0.06 -0.11 4.41
N GLN C 50 -0.53 0.31 3.24
CA GLN C 50 0.01 1.48 2.54
C GLN C 50 -0.81 2.71 2.89
N HIS C 51 -1.10 2.89 4.18
CA HIS C 51 -1.97 3.95 4.67
C HIS C 51 -1.17 5.16 5.17
N ARG C 52 0.08 5.29 4.75
CA ARG C 52 0.94 6.37 5.19
C ARG C 52 1.68 6.93 3.98
N ARG C 53 1.84 8.24 3.95
CA ARG C 53 2.54 8.92 2.87
C ARG C 53 3.53 9.90 3.48
N VAL C 54 4.82 9.60 3.35
CA VAL C 54 5.87 10.47 3.88
C VAL C 54 6.25 11.41 2.74
N ILE C 55 5.49 12.50 2.61
CA ILE C 55 5.70 13.50 1.58
C ILE C 55 7.02 14.25 1.77
N LEU C 56 7.65 14.12 2.95
CA LEU C 56 8.80 14.91 3.36
C LEU C 56 9.51 15.04 2.02
N ASN C 57 9.55 16.27 1.51
CA ASN C 57 10.45 16.71 0.46
C ASN C 57 10.24 18.22 0.35
N GLU C 58 11.31 18.96 0.11
CA GLU C 58 11.24 20.42 0.11
C GLU C 58 10.19 20.93 -0.86
N GLU C 59 10.02 20.26 -2.01
CA GLU C 59 9.04 20.69 -2.98
C GLU C 59 7.68 20.04 -2.78
N SER C 60 7.65 18.75 -2.47
CA SER C 60 6.37 18.04 -2.37
C SER C 60 5.55 18.53 -1.17
N TRP C 61 6.18 18.61 0.00
CA TRP C 61 5.48 19.10 1.18
C TRP C 61 4.99 20.52 0.98
N THR C 62 5.80 21.37 0.35
CA THR C 62 5.36 22.73 0.09
C THR C 62 4.22 22.79 -0.91
N ARG C 63 4.23 21.90 -1.91
CA ARG C 63 3.08 21.81 -2.81
C ARG C 63 1.81 21.45 -2.06
N VAL C 64 1.91 20.46 -1.17
CA VAL C 64 0.72 20.04 -0.41
C VAL C 64 0.23 21.17 0.49
N MET C 65 1.17 21.89 1.13
CA MET C 65 0.77 22.97 2.03
C MET C 65 0.21 24.16 1.27
N ASP C 66 0.74 24.44 0.08
CA ASP C 66 0.16 25.49 -0.75
C ASP C 66 -1.23 25.09 -1.24
N ALA C 67 -1.45 23.80 -1.48
CA ALA C 67 -2.78 23.35 -1.83
C ALA C 67 -3.74 23.53 -0.65
N LEU C 68 -3.27 23.24 0.56
CA LEU C 68 -4.13 23.41 1.74
C LEU C 68 -4.42 24.89 2.00
N SER C 69 -3.43 25.76 1.82
CA SER C 69 -3.64 27.19 2.02
C SER C 69 -4.38 27.81 0.83
N ASN C 70 -3.83 27.65 -0.37
CA ASN C 70 -4.49 28.12 -1.58
C ASN C 70 -5.08 26.92 -2.31
N PRO C 71 -6.38 26.68 -2.19
CA PRO C 71 -6.97 25.51 -2.84
C PRO C 71 -7.25 25.78 -4.30
N PRO C 72 -6.74 24.94 -5.19
CA PRO C 72 -6.94 25.17 -6.64
C PRO C 72 -8.41 25.07 -7.00
N SER C 73 -8.83 25.93 -7.91
CA SER C 73 -10.22 25.93 -8.36
C SER C 73 -10.49 24.66 -9.18
N PRO C 74 -11.67 24.05 -9.02
CA PRO C 74 -11.97 22.83 -9.77
C PRO C 74 -11.94 23.08 -11.27
N GLY C 75 -11.19 22.25 -11.98
CA GLY C 75 -10.99 22.43 -13.41
C GLY C 75 -12.25 22.16 -14.21
N GLU C 76 -12.14 22.40 -15.52
CA GLU C 76 -13.27 22.18 -16.42
C GLU C 76 -13.65 20.71 -16.47
N LYS C 77 -12.65 19.83 -16.56
CA LYS C 77 -12.93 18.40 -16.65
C LYS C 77 -13.63 17.89 -15.39
N LEU C 78 -13.21 18.38 -14.23
CA LEU C 78 -13.86 17.96 -12.99
C LEU C 78 -15.31 18.45 -12.92
N LYS C 79 -15.58 19.66 -13.41
CA LYS C 79 -16.95 20.15 -13.43
C LYS C 79 -17.82 19.34 -14.39
N ARG C 80 -17.29 19.03 -15.57
CA ARG C 80 -18.05 18.18 -16.51
C ARG C 80 -18.28 16.79 -15.93
N ALA C 81 -17.31 16.26 -15.20
CA ALA C 81 -17.49 14.95 -14.57
C ALA C 81 -18.53 15.02 -13.46
N ALA C 82 -18.56 16.11 -12.70
CA ALA C 82 -19.59 16.28 -11.69
C ALA C 82 -20.98 16.38 -12.33
N LYS C 83 -21.07 17.04 -13.48
CA LYS C 83 -22.32 17.05 -14.21
C LYS C 83 -22.71 15.65 -14.67
N ARG C 84 -21.72 14.86 -15.12
CA ARG C 84 -22.01 13.49 -15.54
C ARG C 84 -22.30 12.58 -14.35
N LEU C 85 -21.99 13.02 -13.13
CA LEU C 85 -22.16 12.15 -11.96
C LEU C 85 -23.63 11.95 -11.62
N GLN C 86 -24.43 13.03 -11.69
CA GLN C 86 -25.84 12.94 -11.35
C GLN C 86 -26.60 12.13 -12.39
N GLY C 87 -27.17 11.01 -11.97
CA GLY C 87 -27.90 10.14 -12.88
C GLY C 87 -28.20 8.78 -12.27
#